data_4HJC
#
_entry.id   4HJC
#
_cell.length_a   114.347
_cell.length_b   114.347
_cell.length_c   170.675
_cell.angle_alpha   90.00
_cell.angle_beta   90.00
_cell.angle_gamma   120.00
#
_symmetry.space_group_name_H-M   'P 64 2 2'
#
loop_
_entity.id
_entity.type
_entity.pdbx_description
1 polymer 'ENVELOPE GLYCOPROTEIN'
2 water water
#
_entity_poly.entity_id   1
_entity_poly.type   'polypeptide(L)'
_entity_poly.pdbx_seq_one_letter_code
;CSELIQASSRITTCSTEGVNTKCRLSGTALIRAGSVGAEACLMLKGVKEDQTKFLKIKTVSSELSCREGQSYWTGSFSPK
CLSSRRCHLVGECHVNRCLSWRDNETSAEFSFVGESTTMRENKCFEQCGGWGCGCFNVNPSCLFVHTYLQSVRKEALRVF
NCIDWVHKLTLEITDFDGSVSTIDLGASSSRFTNWGSVSLSLDAEGISGSNSFSFIESPGKGYAIVDEPFSEIPRQGFLG
EIRCNSESSVLSAHESCLRAPNLISYKPMIDQLECTTNLIDPFVVFERGSLPQTRNDKTFAASKGNRGVQAFSKGSVQAD
LTLMFDNFEVDFVGAAVSCDAAFLNLTGCYSCNAGARVCLSITSTGTGSLSAHNKDGSLHIVLPSENGTKDQCQILHFTV
PEVEEEFMYSCDGDERPLLVKGTLIAID
;
_entity_poly.pdbx_strand_id   A
#
# COMPACT_ATOMS: atom_id res chain seq x y z
N CYS A 1 -8.32 17.82 -0.13
CA CYS A 1 -8.29 17.14 1.16
C CYS A 1 -9.43 16.14 1.27
N SER A 2 -9.17 14.89 0.90
CA SER A 2 -10.20 13.86 0.97
C SER A 2 -10.67 13.61 2.40
N GLU A 3 -9.74 13.62 3.35
CA GLU A 3 -10.06 13.40 4.75
C GLU A 3 -9.40 14.49 5.58
N LEU A 4 -10.23 15.24 6.29
CA LEU A 4 -9.75 16.38 7.08
C LEU A 4 -10.01 16.17 8.56
N ILE A 5 -8.96 16.35 9.35
CA ILE A 5 -9.04 16.28 10.81
C ILE A 5 -8.54 17.61 11.35
N GLN A 6 -9.23 18.15 12.33
CA GLN A 6 -8.78 19.37 12.96
C GLN A 6 -7.79 19.03 14.07
N ALA A 7 -6.72 19.80 14.14
CA ALA A 7 -5.69 19.62 15.16
C ALA A 7 -6.32 19.78 16.53
N SER A 8 -6.21 18.74 17.35
CA SER A 8 -6.83 18.74 18.67
C SER A 8 -6.29 19.86 19.53
N SER A 9 -7.14 20.38 20.41
CA SER A 9 -6.73 21.40 21.36
C SER A 9 -5.81 20.84 22.43
N ARG A 10 -5.87 19.52 22.64
CA ARG A 10 -5.08 18.89 23.70
C ARG A 10 -3.59 18.87 23.37
N ILE A 11 -3.25 18.66 22.10
CA ILE A 11 -1.85 18.58 21.68
C ILE A 11 -1.27 19.96 21.32
N THR A 12 -2.12 20.99 21.33
CA THR A 12 -1.75 22.30 20.82
C THR A 12 -1.63 23.33 21.95
N THR A 13 -0.54 24.09 21.94
CA THR A 13 -0.33 25.19 22.88
C THR A 13 0.21 26.40 22.12
N CYS A 14 -0.48 27.53 22.22
CA CYS A 14 -0.10 28.74 21.48
C CYS A 14 0.03 29.97 22.37
N SER A 15 0.87 30.91 21.95
CA SER A 15 1.11 32.14 22.70
C SER A 15 1.25 33.34 21.77
N THR A 16 0.68 34.48 22.19
CA THR A 16 0.65 35.69 21.38
C THR A 16 1.72 36.69 21.78
N GLU A 17 2.50 37.15 20.80
CA GLU A 17 3.51 38.18 21.03
C GLU A 17 3.04 39.49 20.42
N GLY A 18 1.73 39.66 20.34
CA GLY A 18 1.14 40.76 19.60
C GLY A 18 1.23 40.55 18.09
N VAL A 19 0.29 41.14 17.37
CA VAL A 19 0.21 41.06 15.90
C VAL A 19 0.10 39.64 15.33
N ASN A 20 1.08 38.77 15.63
CA ASN A 20 1.02 37.37 15.24
C ASN A 20 1.35 36.45 16.41
N THR A 21 0.96 35.19 16.27
CA THR A 21 1.16 34.20 17.32
C THR A 21 1.73 32.91 16.73
N LYS A 22 2.53 32.21 17.55
CA LYS A 22 3.14 30.95 17.13
C LYS A 22 2.67 29.80 18.02
N CYS A 23 2.12 28.77 17.38
CA CYS A 23 1.59 27.61 18.09
C CYS A 23 2.59 26.46 18.04
N ARG A 24 2.62 25.64 19.09
CA ARG A 24 3.57 24.53 19.20
C ARG A 24 2.87 23.18 19.29
N LEU A 25 2.93 22.42 18.20
CA LEU A 25 2.34 21.08 18.18
C LEU A 25 3.17 20.10 18.98
N SER A 26 2.58 19.59 20.06
CA SER A 26 3.21 18.58 20.90
C SER A 26 2.20 17.50 21.27
N GLY A 27 2.30 16.36 20.60
CA GLY A 27 1.42 15.24 20.87
C GLY A 27 1.34 14.28 19.69
N THR A 28 0.31 13.45 19.67
CA THR A 28 0.12 12.48 18.61
C THR A 28 -1.31 12.52 18.07
N ALA A 29 -1.45 12.51 16.75
CA ALA A 29 -2.76 12.52 16.11
C ALA A 29 -2.91 11.33 15.16
N LEU A 30 -4.08 10.71 15.18
CA LEU A 30 -4.35 9.54 14.36
C LEU A 30 -5.39 9.86 13.28
N ILE A 31 -5.00 9.67 12.02
CA ILE A 31 -5.85 10.03 10.89
C ILE A 31 -5.92 8.89 9.88
N ARG A 32 -7.09 8.73 9.28
CA ARG A 32 -7.27 7.78 8.19
C ARG A 32 -6.48 8.21 6.96
N ALA A 33 -5.69 7.31 6.40
CA ALA A 33 -4.90 7.62 5.21
C ALA A 33 -5.84 7.96 4.07
N GLY A 34 -5.44 8.94 3.26
CA GLY A 34 -6.25 9.37 2.13
C GLY A 34 -6.27 8.30 1.07
N SER A 35 -7.27 8.34 0.20
CA SER A 35 -7.36 7.38 -0.89
C SER A 35 -6.24 7.62 -1.90
N VAL A 36 -6.10 6.72 -2.87
CA VAL A 36 -4.99 6.78 -3.82
C VAL A 36 -5.08 8.03 -4.69
N GLY A 37 -4.07 8.89 -4.56
CA GLY A 37 -4.02 10.13 -5.30
C GLY A 37 -4.61 11.31 -4.56
N ALA A 38 -5.17 11.05 -3.39
CA ALA A 38 -5.84 12.08 -2.59
C ALA A 38 -5.02 12.44 -1.36
N GLU A 39 -5.44 13.49 -0.67
CA GLU A 39 -4.71 14.00 0.50
C GLU A 39 -5.45 13.76 1.81
N ALA A 40 -4.67 13.66 2.87
CA ALA A 40 -5.20 13.50 4.23
C ALA A 40 -4.67 14.65 5.08
N CYS A 41 -5.49 15.68 5.25
CA CYS A 41 -5.04 16.96 5.80
C CYS A 41 -5.26 17.10 7.31
N LEU A 42 -4.37 17.85 7.95
CA LEU A 42 -4.50 18.19 9.37
C LEU A 42 -4.57 19.71 9.55
N MET A 43 -5.76 20.22 9.86
CA MET A 43 -5.98 21.66 9.99
C MET A 43 -5.64 22.19 11.39
N LEU A 44 -4.70 23.11 11.45
CA LEU A 44 -4.29 23.71 12.71
C LEU A 44 -5.07 25.00 12.98
N LYS A 45 -5.84 25.02 14.06
CA LYS A 45 -6.64 26.19 14.43
C LYS A 45 -5.96 27.04 15.49
N GLY A 46 -5.76 28.31 15.17
CA GLY A 46 -5.14 29.25 16.09
C GLY A 46 -6.15 29.91 17.01
N VAL A 47 -5.72 30.97 17.69
CA VAL A 47 -6.60 31.72 18.58
C VAL A 47 -7.69 32.47 17.82
N LYS A 48 -7.34 33.05 16.67
CA LYS A 48 -8.32 33.75 15.84
C LYS A 48 -8.95 32.80 14.83
N GLU A 49 -10.11 33.18 14.31
CA GLU A 49 -10.81 32.36 13.34
C GLU A 49 -10.07 32.32 12.00
N ASP A 50 -9.46 33.44 11.63
CA ASP A 50 -8.78 33.55 10.34
C ASP A 50 -7.38 32.91 10.33
N GLN A 51 -6.95 32.36 11.46
CA GLN A 51 -5.65 31.73 11.56
C GLN A 51 -5.76 30.23 11.36
N THR A 52 -5.36 29.76 10.17
CA THR A 52 -5.41 28.35 9.83
C THR A 52 -4.16 27.89 9.08
N LYS A 53 -3.72 26.67 9.37
CA LYS A 53 -2.59 26.07 8.68
C LYS A 53 -2.95 24.64 8.29
N PHE A 54 -2.20 24.05 7.36
CA PHE A 54 -2.50 22.71 6.90
C PHE A 54 -1.26 21.84 6.70
N LEU A 55 -1.36 20.59 7.15
CA LEU A 55 -0.37 19.56 6.87
C LEU A 55 -1.00 18.55 5.93
N LYS A 56 -0.61 18.59 4.65
CA LYS A 56 -1.26 17.80 3.62
C LYS A 56 -0.51 16.53 3.28
N ILE A 57 -1.19 15.39 3.42
CA ILE A 57 -0.61 14.09 3.15
C ILE A 57 -1.12 13.32 1.93
N LYS A 58 -0.48 13.57 0.78
CA LYS A 58 -0.91 12.97 -0.47
C LYS A 58 -0.49 11.50 -0.54
N THR A 59 -1.40 10.68 -1.03
CA THR A 59 -1.13 9.26 -1.21
C THR A 59 -0.70 9.02 -2.65
N VAL A 60 0.57 8.70 -2.84
CA VAL A 60 1.10 8.46 -4.18
C VAL A 60 0.61 7.11 -4.70
N SER A 61 0.92 6.05 -3.96
CA SER A 61 0.55 4.71 -4.37
C SER A 61 0.68 3.71 -3.22
N SER A 62 -0.23 2.74 -3.18
CA SER A 62 -0.19 1.67 -2.19
C SER A 62 0.21 0.36 -2.84
N GLU A 63 1.48 -0.01 -2.70
CA GLU A 63 2.05 -1.15 -3.41
C GLU A 63 2.10 -2.41 -2.56
N LEU A 64 1.60 -3.52 -3.09
CA LEU A 64 1.64 -4.80 -2.40
C LEU A 64 2.45 -5.82 -3.20
N SER A 65 3.74 -5.93 -2.89
CA SER A 65 4.63 -6.86 -3.57
C SER A 65 4.45 -8.27 -3.02
N CYS A 66 4.53 -9.25 -3.92
CA CYS A 66 4.23 -10.64 -3.55
C CYS A 66 5.45 -11.45 -3.17
N ARG A 67 5.31 -12.19 -2.08
CA ARG A 67 6.27 -13.17 -1.64
C ARG A 67 5.68 -14.54 -1.96
N GLU A 68 6.27 -15.25 -2.91
CA GLU A 68 5.64 -16.45 -3.46
C GLU A 68 5.79 -17.69 -2.56
N GLY A 69 4.78 -18.55 -2.60
CA GLY A 69 4.72 -19.74 -1.78
C GLY A 69 4.87 -21.02 -2.58
N GLN A 70 3.87 -21.88 -2.47
CA GLN A 70 3.88 -23.17 -3.16
C GLN A 70 3.87 -22.92 -4.66
N SER A 71 4.45 -23.83 -5.43
CA SER A 71 4.62 -23.61 -6.87
C SER A 71 4.88 -24.91 -7.64
N TYR A 72 4.13 -25.10 -8.73
CA TYR A 72 4.34 -26.24 -9.63
C TYR A 72 4.48 -25.77 -11.07
N TRP A 73 4.92 -26.68 -11.95
CA TRP A 73 5.04 -26.39 -13.37
C TRP A 73 3.95 -27.11 -14.15
N THR A 74 3.77 -26.72 -15.41
CA THR A 74 2.76 -27.34 -16.27
C THR A 74 2.98 -26.95 -17.72
N GLY A 75 2.36 -27.71 -18.63
CA GLY A 75 2.36 -27.37 -20.04
C GLY A 75 1.21 -28.03 -20.78
N SER A 76 1.26 -27.99 -22.11
CA SER A 76 0.26 -28.64 -22.95
C SER A 76 0.73 -30.05 -23.26
N PHE A 77 -0.21 -30.99 -23.32
CA PHE A 77 0.13 -32.37 -23.64
C PHE A 77 -0.97 -33.02 -24.48
N SER A 78 -0.61 -34.10 -25.17
CA SER A 78 -1.57 -34.82 -26.00
C SER A 78 -1.39 -36.32 -25.84
N PRO A 79 -2.51 -37.06 -25.77
CA PRO A 79 -2.46 -38.51 -25.55
C PRO A 79 -2.33 -39.27 -26.87
N LYS A 80 -1.53 -40.32 -26.86
CA LYS A 80 -1.39 -41.18 -28.00
C LYS A 80 -1.33 -42.61 -27.48
N CYS A 81 -2.23 -43.47 -27.96
CA CYS A 81 -2.36 -44.83 -27.44
C CYS A 81 -2.02 -45.88 -28.49
N LEU A 82 -1.51 -47.01 -28.01
CA LEU A 82 -1.12 -48.13 -28.87
C LEU A 82 -1.99 -49.32 -28.51
N SER A 83 -2.52 -50.01 -29.51
CA SER A 83 -3.46 -51.11 -29.26
C SER A 83 -3.09 -52.39 -30.01
N SER A 84 -3.27 -53.52 -29.34
CA SER A 84 -3.04 -54.82 -29.94
C SER A 84 -3.97 -55.86 -29.32
N ARG A 85 -4.93 -56.33 -30.10
CA ARG A 85 -5.93 -57.27 -29.59
C ARG A 85 -5.50 -58.71 -29.75
N ARG A 86 -5.83 -59.53 -28.75
CA ARG A 86 -5.61 -60.97 -28.81
C ARG A 86 -6.84 -61.71 -28.31
N CYS A 87 -7.19 -62.80 -28.97
CA CYS A 87 -8.34 -63.61 -28.59
C CYS A 87 -8.13 -64.20 -27.20
N HIS A 88 -9.20 -64.73 -26.63
CA HIS A 88 -9.12 -65.30 -25.29
C HIS A 88 -8.17 -66.49 -25.27
N LEU A 89 -7.48 -66.67 -24.15
CA LEU A 89 -6.43 -67.68 -24.01
C LEU A 89 -5.32 -67.57 -25.06
N VAL A 90 -5.09 -66.37 -25.57
CA VAL A 90 -3.97 -66.11 -26.49
C VAL A 90 -3.05 -65.04 -25.93
N GLY A 91 -1.79 -65.40 -25.74
CA GLY A 91 -0.82 -64.46 -25.18
C GLY A 91 -1.11 -64.18 -23.73
N GLU A 92 -1.33 -62.90 -23.42
CA GLU A 92 -1.69 -62.49 -22.05
C GLU A 92 -3.20 -62.50 -21.85
N CYS A 93 -3.96 -62.76 -22.91
CA CYS A 93 -5.41 -62.66 -22.85
C CYS A 93 -6.01 -63.94 -22.28
N HIS A 94 -5.74 -64.19 -20.99
CA HIS A 94 -6.16 -65.43 -20.33
C HIS A 94 -7.40 -65.19 -19.47
N VAL A 95 -7.72 -66.12 -18.57
CA VAL A 95 -9.00 -66.16 -17.87
C VAL A 95 -9.42 -64.80 -17.30
N ASN A 96 -8.57 -64.22 -16.45
CA ASN A 96 -8.89 -62.97 -15.77
C ASN A 96 -7.81 -61.89 -15.88
N ARG A 97 -6.76 -62.17 -16.65
CA ARG A 97 -5.63 -61.25 -16.73
C ARG A 97 -6.03 -59.89 -17.30
N CYS A 98 -7.06 -59.86 -18.13
CA CYS A 98 -7.47 -58.58 -18.70
C CYS A 98 -8.03 -57.69 -17.61
N LEU A 99 -9.24 -57.97 -17.14
CA LEU A 99 -9.93 -57.12 -16.17
C LEU A 99 -9.09 -56.82 -14.93
N SER A 100 -8.16 -57.71 -14.60
CA SER A 100 -7.24 -57.49 -13.49
C SER A 100 -5.93 -56.83 -13.93
N TRP A 101 -6.04 -55.83 -14.80
CA TRP A 101 -4.86 -55.13 -15.31
C TRP A 101 -4.27 -54.22 -14.23
N ARG A 102 -3.00 -53.88 -14.39
CA ARG A 102 -2.37 -52.84 -13.59
C ARG A 102 -1.79 -51.78 -14.52
N ASP A 103 -1.94 -50.51 -14.15
CA ASP A 103 -1.58 -49.41 -15.03
C ASP A 103 -0.08 -49.26 -15.28
N ASN A 104 0.74 -49.82 -14.40
CA ASN A 104 2.20 -49.65 -14.49
C ASN A 104 2.90 -50.75 -15.28
N GLU A 105 2.25 -51.89 -15.49
CA GLU A 105 2.86 -53.00 -16.21
C GLU A 105 2.63 -52.91 -17.72
N THR A 106 3.73 -52.80 -18.46
CA THR A 106 3.69 -52.82 -19.92
C THR A 106 3.49 -54.22 -20.50
N SER A 107 2.47 -54.35 -21.34
CA SER A 107 2.10 -55.62 -21.96
C SER A 107 3.16 -56.15 -22.92
N ALA A 108 3.23 -57.48 -23.03
CA ALA A 108 4.12 -58.14 -23.97
C ALA A 108 3.81 -57.82 -25.44
N GLU A 109 2.59 -57.36 -25.71
CA GLU A 109 2.23 -56.91 -27.04
C GLU A 109 3.06 -55.70 -27.44
N PHE A 110 3.53 -54.96 -26.43
CA PHE A 110 4.34 -53.77 -26.65
C PHE A 110 5.73 -53.94 -26.03
N SER A 111 6.44 -54.98 -26.44
CA SER A 111 7.79 -55.25 -25.97
C SER A 111 8.84 -54.76 -26.97
N PHE A 112 8.46 -53.77 -27.78
CA PHE A 112 9.31 -53.27 -28.85
C PHE A 112 9.68 -51.78 -28.68
N VAL A 113 8.88 -51.05 -27.92
CA VAL A 113 9.05 -49.60 -27.81
C VAL A 113 10.37 -49.31 -27.10
N GLY A 114 10.80 -50.24 -26.26
CA GLY A 114 12.06 -50.10 -25.56
C GLY A 114 11.84 -49.50 -24.19
N GLU A 115 12.74 -48.61 -23.79
CA GLU A 115 12.62 -47.94 -22.49
C GLU A 115 12.14 -46.51 -22.66
N SER A 116 11.27 -46.10 -21.75
CA SER A 116 10.68 -44.78 -21.76
C SER A 116 10.72 -44.17 -20.38
N THR A 117 11.13 -42.91 -20.31
CA THR A 117 11.11 -42.16 -19.07
C THR A 117 9.98 -41.13 -19.14
N THR A 118 8.94 -41.46 -19.90
CA THR A 118 7.84 -40.54 -20.15
C THR A 118 6.61 -41.01 -19.40
N MET A 119 5.76 -40.06 -18.99
CA MET A 119 4.49 -40.37 -18.34
C MET A 119 3.71 -41.37 -19.19
N ARG A 120 3.33 -42.48 -18.59
CA ARG A 120 2.64 -43.53 -19.33
C ARG A 120 1.78 -44.42 -18.46
N GLU A 121 0.74 -44.98 -19.06
CA GLU A 121 -0.18 -45.89 -18.38
C GLU A 121 -0.56 -47.03 -19.30
N ASN A 122 -1.01 -48.13 -18.70
CA ASN A 122 -1.41 -49.32 -19.45
C ASN A 122 -2.85 -49.70 -19.15
N LYS A 123 -3.58 -50.13 -20.17
CA LYS A 123 -4.97 -50.56 -20.00
C LYS A 123 -5.19 -51.91 -20.68
N CYS A 124 -6.36 -52.49 -20.43
CA CYS A 124 -6.77 -53.72 -21.09
C CYS A 124 -8.28 -53.84 -21.13
N PHE A 125 -8.86 -53.68 -22.32
CA PHE A 125 -10.30 -53.72 -22.49
C PHE A 125 -10.73 -55.03 -23.14
N GLU A 126 -11.76 -55.66 -22.58
CA GLU A 126 -12.29 -56.89 -23.15
C GLU A 126 -13.30 -56.60 -24.25
N GLN A 127 -13.01 -57.07 -25.46
CA GLN A 127 -13.90 -56.89 -26.60
C GLN A 127 -14.66 -58.18 -26.89
N CYS A 128 -15.56 -58.12 -27.87
CA CYS A 128 -16.37 -59.28 -28.22
C CYS A 128 -15.49 -60.41 -28.76
N GLY A 129 -15.89 -61.64 -28.46
CA GLY A 129 -15.20 -62.81 -28.95
C GLY A 129 -15.93 -63.42 -30.12
N GLY A 130 -15.73 -64.72 -30.34
CA GLY A 130 -16.44 -65.44 -31.38
C GLY A 130 -15.85 -65.19 -32.74
N TRP A 131 -16.34 -65.91 -33.74
CA TRP A 131 -15.86 -65.75 -35.10
C TRP A 131 -16.29 -64.42 -35.71
N GLY A 132 -17.29 -63.78 -35.10
CA GLY A 132 -17.68 -62.44 -35.51
C GLY A 132 -16.61 -61.40 -35.24
N CYS A 133 -15.65 -61.74 -34.39
CA CYS A 133 -14.55 -60.85 -34.07
C CYS A 133 -13.19 -61.49 -34.37
N GLY A 134 -13.19 -62.46 -35.28
CA GLY A 134 -11.95 -63.11 -35.69
C GLY A 134 -11.27 -63.90 -34.58
N CYS A 135 -12.06 -64.44 -33.66
CA CYS A 135 -11.51 -65.26 -32.57
C CYS A 135 -12.15 -66.64 -32.50
N PHE A 136 -11.30 -67.65 -32.35
CA PHE A 136 -11.75 -69.02 -32.19
C PHE A 136 -12.56 -69.20 -30.91
N ASN A 137 -12.25 -68.40 -29.89
CA ASN A 137 -12.93 -68.49 -28.60
C ASN A 137 -14.07 -67.48 -28.48
N VAL A 138 -15.27 -67.98 -28.20
CA VAL A 138 -16.43 -67.11 -27.99
C VAL A 138 -16.24 -66.18 -26.80
N ASN A 139 -15.35 -66.55 -25.88
CA ASN A 139 -15.06 -65.72 -24.72
C ASN A 139 -14.40 -64.40 -25.11
N PRO A 140 -14.58 -63.36 -24.26
CA PRO A 140 -14.02 -62.05 -24.60
C PRO A 140 -12.52 -62.03 -24.85
N SER A 141 -12.14 -61.38 -25.95
CA SER A 141 -10.74 -61.11 -26.26
C SER A 141 -10.15 -60.12 -25.27
N CYS A 142 -8.93 -59.67 -25.54
CA CYS A 142 -8.27 -58.66 -24.72
C CYS A 142 -7.52 -57.65 -25.57
N LEU A 143 -8.10 -56.46 -25.68
CA LEU A 143 -7.45 -55.33 -26.36
C LEU A 143 -6.49 -54.65 -25.41
N PHE A 144 -5.22 -55.03 -25.49
CA PHE A 144 -4.19 -54.43 -24.67
C PHE A 144 -3.87 -53.04 -25.19
N VAL A 145 -3.66 -52.10 -24.27
CA VAL A 145 -3.43 -50.71 -24.65
C VAL A 145 -2.24 -50.13 -23.88
N HIS A 146 -1.41 -49.38 -24.60
CA HIS A 146 -0.28 -48.69 -24.01
C HIS A 146 -0.32 -47.23 -24.41
N THR A 147 -0.63 -46.37 -23.45
CA THR A 147 -0.78 -44.95 -23.70
C THR A 147 0.23 -44.14 -22.91
N TYR A 148 0.54 -42.95 -23.41
CA TYR A 148 1.47 -42.06 -22.76
C TYR A 148 1.07 -40.62 -23.04
N LEU A 149 1.86 -39.69 -22.55
CA LEU A 149 1.61 -38.27 -22.74
C LEU A 149 2.87 -37.60 -23.27
N GLN A 150 2.70 -36.85 -24.36
CA GLN A 150 3.81 -36.11 -24.96
C GLN A 150 3.49 -34.63 -24.92
N SER A 151 4.53 -33.80 -24.80
CA SER A 151 4.33 -32.35 -24.74
C SER A 151 3.96 -31.80 -26.11
N VAL A 152 2.95 -30.93 -26.12
CA VAL A 152 2.49 -30.30 -27.35
C VAL A 152 3.38 -29.12 -27.73
N ARG A 153 3.52 -28.17 -26.80
CA ARG A 153 4.37 -27.00 -27.04
C ARG A 153 5.75 -27.21 -26.45
N LYS A 154 6.74 -26.50 -27.01
CA LYS A 154 8.12 -26.59 -26.55
C LYS A 154 8.42 -25.46 -25.56
N GLU A 155 7.55 -25.29 -24.59
CA GLU A 155 7.70 -24.25 -23.58
C GLU A 155 6.79 -24.61 -22.41
N ALA A 156 7.13 -24.13 -21.22
CA ALA A 156 6.35 -24.45 -20.02
C ALA A 156 5.96 -23.20 -19.26
N LEU A 157 5.12 -23.39 -18.24
CA LEU A 157 4.60 -22.30 -17.43
C LEU A 157 4.72 -22.63 -15.95
N ARG A 158 5.14 -21.65 -15.14
CA ARG A 158 5.26 -21.84 -13.70
C ARG A 158 4.07 -21.20 -12.97
N VAL A 159 3.50 -21.94 -12.03
CA VAL A 159 2.33 -21.48 -11.29
C VAL A 159 2.71 -21.28 -9.82
N PHE A 160 2.00 -20.41 -9.13
CA PHE A 160 2.28 -20.11 -7.73
C PHE A 160 1.19 -19.27 -7.06
N ASN A 161 1.15 -19.31 -5.73
CA ASN A 161 0.39 -18.33 -4.96
C ASN A 161 1.36 -17.52 -4.10
N CYS A 162 0.82 -16.62 -3.29
CA CYS A 162 1.65 -15.75 -2.46
C CYS A 162 1.43 -15.97 -0.98
N ILE A 163 2.45 -16.53 -0.31
CA ILE A 163 2.44 -16.68 1.14
C ILE A 163 2.19 -15.34 1.84
N ASP A 164 2.85 -14.29 1.36
CA ASP A 164 2.78 -12.99 2.02
C ASP A 164 2.73 -11.87 0.98
N TRP A 165 2.15 -10.73 1.37
CA TRP A 165 2.11 -9.56 0.53
C TRP A 165 2.68 -8.34 1.26
N VAL A 166 3.90 -7.95 0.87
CA VAL A 166 4.61 -6.85 1.51
C VAL A 166 4.06 -5.50 1.04
N HIS A 167 3.58 -4.69 1.98
CA HIS A 167 2.98 -3.40 1.65
C HIS A 167 3.98 -2.25 1.77
N LYS A 168 4.21 -1.55 0.66
CA LYS A 168 5.01 -0.33 0.65
C LYS A 168 4.11 0.84 0.29
N LEU A 169 4.13 1.87 1.12
CA LEU A 169 3.26 3.03 0.94
C LEU A 169 4.06 4.30 0.65
N THR A 170 3.98 4.79 -0.58
CA THR A 170 4.67 6.01 -0.97
C THR A 170 3.78 7.23 -0.67
N LEU A 171 4.34 8.20 0.05
CA LEU A 171 3.58 9.39 0.46
C LEU A 171 4.32 10.68 0.12
N GLU A 172 3.57 11.73 -0.17
CA GLU A 172 4.12 13.04 -0.47
C GLU A 172 3.64 14.05 0.58
N ILE A 173 4.55 14.44 1.46
CA ILE A 173 4.23 15.32 2.58
C ILE A 173 4.43 16.79 2.23
N THR A 174 3.39 17.59 2.44
CA THR A 174 3.46 19.05 2.30
C THR A 174 3.32 19.67 3.68
N ASP A 175 4.44 20.11 4.26
CA ASP A 175 4.45 20.69 5.60
C ASP A 175 3.59 21.95 5.70
N PHE A 176 3.46 22.46 6.92
CA PHE A 176 2.71 23.68 7.17
C PHE A 176 3.36 24.86 6.46
N ASP A 177 4.68 24.87 6.39
CA ASP A 177 5.41 25.95 5.73
C ASP A 177 5.39 25.87 4.20
N GLY A 178 5.00 24.71 3.66
CA GLY A 178 4.89 24.54 2.22
C GLY A 178 5.99 23.67 1.62
N SER A 179 6.97 23.28 2.45
CA SER A 179 8.05 22.42 1.99
C SER A 179 7.50 21.02 1.70
N VAL A 180 8.00 20.39 0.63
CA VAL A 180 7.50 19.09 0.20
C VAL A 180 8.59 18.01 0.26
N SER A 181 8.21 16.82 0.72
CA SER A 181 9.12 15.68 0.78
C SER A 181 8.37 14.40 0.43
N THR A 182 9.10 13.36 0.05
CA THR A 182 8.50 12.07 -0.30
C THR A 182 9.20 10.92 0.42
N ILE A 183 8.43 10.11 1.13
CA ILE A 183 8.97 8.99 1.89
C ILE A 183 8.25 7.69 1.51
N ASP A 184 8.66 6.59 2.14
CA ASP A 184 8.05 5.29 1.93
C ASP A 184 7.83 4.60 3.28
N LEU A 185 6.63 4.07 3.50
CA LEU A 185 6.27 3.46 4.79
C LEU A 185 5.81 2.02 4.69
N GLY A 186 6.51 1.14 5.40
CA GLY A 186 6.07 -0.22 5.62
C GLY A 186 5.26 -0.33 6.89
N ALA A 187 4.76 -1.53 7.18
CA ALA A 187 3.88 -1.74 8.32
C ALA A 187 4.54 -1.45 9.67
N SER A 188 5.85 -1.69 9.77
CA SER A 188 6.58 -1.50 11.01
C SER A 188 7.59 -0.35 10.91
N SER A 189 7.60 0.36 9.79
CA SER A 189 8.58 1.42 9.58
C SER A 189 8.15 2.70 10.32
N SER A 190 9.14 3.51 10.71
CA SER A 190 8.88 4.80 11.35
C SER A 190 9.84 5.83 10.79
N ARG A 191 9.31 6.70 9.96
CA ARG A 191 10.10 7.75 9.32
C ARG A 191 10.04 8.99 10.19
N PHE A 192 11.10 9.80 10.12
CA PHE A 192 11.13 11.05 10.86
C PHE A 192 10.91 12.23 9.93
N THR A 193 10.44 13.35 10.48
CA THR A 193 10.05 14.50 9.70
C THR A 193 10.56 15.80 10.31
N ASN A 194 10.30 16.91 9.63
CA ASN A 194 10.70 18.22 10.10
C ASN A 194 9.97 18.63 11.38
N TRP A 195 8.82 18.01 11.64
CA TRP A 195 8.00 18.37 12.80
C TRP A 195 7.92 17.26 13.85
N GLY A 196 8.50 16.11 13.56
CA GLY A 196 8.53 15.01 14.51
C GLY A 196 8.78 13.69 13.83
N SER A 197 7.76 12.83 13.77
CA SER A 197 7.87 11.56 13.07
C SER A 197 6.53 11.06 12.57
N VAL A 198 6.56 9.95 11.84
CA VAL A 198 5.36 9.36 11.29
C VAL A 198 5.53 7.86 11.07
N SER A 199 4.48 7.10 11.37
CA SER A 199 4.49 5.65 11.21
C SER A 199 3.06 5.16 10.96
N LEU A 200 2.91 3.86 10.70
CA LEU A 200 1.60 3.27 10.49
C LEU A 200 1.09 2.62 11.78
N SER A 201 0.10 3.27 12.41
CA SER A 201 -0.52 2.73 13.62
C SER A 201 -1.06 1.35 13.32
N LEU A 202 -1.83 1.29 12.24
CA LEU A 202 -2.51 0.07 11.84
C LEU A 202 -2.43 -0.07 10.33
N ASP A 203 -2.06 -1.26 9.88
CA ASP A 203 -2.03 -1.55 8.46
C ASP A 203 -2.88 -2.79 8.18
N ALA A 204 -4.03 -2.56 7.55
CA ALA A 204 -4.90 -3.66 7.14
C ALA A 204 -4.83 -3.90 5.63
N GLU A 205 -4.05 -3.09 4.92
CA GLU A 205 -3.91 -3.29 3.49
C GLU A 205 -3.34 -4.67 3.18
N GLY A 206 -3.90 -5.30 2.16
CA GLY A 206 -3.51 -6.63 1.78
C GLY A 206 -4.52 -7.18 0.81
N ILE A 207 -4.27 -8.40 0.33
CA ILE A 207 -5.15 -9.03 -0.63
C ILE A 207 -6.23 -9.83 0.10
N SER A 208 -7.42 -9.24 0.20
CA SER A 208 -8.56 -9.94 0.76
C SER A 208 -8.94 -11.07 -0.18
N GLY A 209 -9.07 -12.28 0.34
CA GLY A 209 -9.31 -13.43 -0.49
C GLY A 209 -8.08 -13.80 -1.30
N SER A 210 -6.90 -13.63 -0.71
CA SER A 210 -5.67 -14.15 -1.30
C SER A 210 -5.69 -15.68 -1.27
N ASN A 211 -6.50 -16.21 -0.36
CA ASN A 211 -6.80 -17.64 -0.35
C ASN A 211 -7.85 -18.02 -1.39
N SER A 212 -8.23 -17.06 -2.24
CA SER A 212 -9.15 -17.29 -3.34
C SER A 212 -8.54 -16.76 -4.64
N PHE A 213 -7.22 -16.59 -4.66
CA PHE A 213 -6.52 -16.14 -5.86
C PHE A 213 -5.19 -16.87 -6.01
N SER A 214 -4.88 -17.25 -7.25
CA SER A 214 -3.58 -17.84 -7.58
C SER A 214 -3.01 -17.12 -8.79
N PHE A 215 -1.77 -17.43 -9.15
CA PHE A 215 -1.11 -16.72 -10.23
C PHE A 215 -0.22 -17.63 -11.06
N ILE A 216 -0.05 -17.26 -12.33
CA ILE A 216 0.73 -18.04 -13.28
C ILE A 216 1.86 -17.15 -13.78
N GLU A 217 2.98 -17.76 -14.16
CA GLU A 217 4.10 -17.04 -14.77
C GLU A 217 4.50 -17.75 -16.05
N SER A 218 4.60 -16.99 -17.13
CA SER A 218 5.24 -17.47 -18.34
C SER A 218 6.66 -16.89 -18.35
N PRO A 219 7.68 -17.75 -18.32
CA PRO A 219 9.06 -17.24 -18.29
C PRO A 219 9.38 -16.28 -19.44
N GLY A 220 9.73 -15.05 -19.09
CA GLY A 220 10.12 -14.07 -20.08
C GLY A 220 8.96 -13.51 -20.91
N LYS A 221 7.74 -13.59 -20.38
CA LYS A 221 6.58 -12.98 -21.04
C LYS A 221 5.75 -12.15 -20.07
N GLY A 222 5.37 -12.74 -18.95
CA GLY A 222 4.60 -12.02 -17.96
C GLY A 222 3.99 -12.94 -16.92
N TYR A 223 2.85 -12.52 -16.36
CA TYR A 223 2.16 -13.31 -15.36
C TYR A 223 0.66 -13.32 -15.65
N ALA A 224 -0.10 -14.03 -14.81
CA ALA A 224 -1.56 -14.08 -14.99
C ALA A 224 -2.29 -14.54 -13.75
N ILE A 225 -3.30 -13.78 -13.34
CA ILE A 225 -4.12 -14.14 -12.20
C ILE A 225 -5.22 -15.11 -12.63
N VAL A 226 -5.46 -16.12 -11.80
CA VAL A 226 -6.52 -17.08 -12.05
C VAL A 226 -7.60 -16.82 -11.02
N ASP A 227 -8.86 -16.89 -11.43
CA ASP A 227 -9.97 -16.66 -10.50
C ASP A 227 -10.17 -17.91 -9.64
N GLU A 228 -9.11 -18.32 -8.95
CA GLU A 228 -9.13 -19.54 -8.18
C GLU A 228 -7.80 -19.63 -7.44
N PRO A 229 -7.84 -20.02 -6.16
CA PRO A 229 -6.60 -20.18 -5.40
C PRO A 229 -5.78 -21.37 -5.87
N PHE A 230 -4.61 -21.53 -5.25
CA PHE A 230 -3.65 -22.54 -5.65
C PHE A 230 -4.18 -23.94 -5.34
N SER A 231 -3.98 -24.85 -6.29
CA SER A 231 -4.36 -26.24 -6.08
C SER A 231 -3.11 -27.04 -5.73
N GLU A 232 -2.90 -27.24 -4.43
CA GLU A 232 -1.72 -27.98 -3.95
C GLU A 232 -1.69 -29.45 -4.37
N ILE A 233 -2.83 -29.97 -4.81
CA ILE A 233 -2.91 -31.34 -5.36
C ILE A 233 -3.53 -31.32 -6.76
N PRO A 234 -2.94 -32.07 -7.72
CA PRO A 234 -3.50 -32.13 -9.08
C PRO A 234 -4.96 -32.54 -9.13
N ARG A 235 -5.83 -31.61 -9.52
CA ARG A 235 -7.25 -31.89 -9.63
C ARG A 235 -7.67 -31.90 -11.10
N GLN A 236 -8.40 -32.93 -11.50
CA GLN A 236 -8.85 -33.08 -12.88
C GLN A 236 -9.82 -31.96 -13.28
N GLY A 237 -9.60 -31.39 -14.47
CA GLY A 237 -10.43 -30.31 -14.97
C GLY A 237 -9.94 -28.93 -14.54
N PHE A 238 -8.75 -28.88 -13.93
CA PHE A 238 -8.21 -27.65 -13.41
C PHE A 238 -6.82 -27.40 -13.96
N LEU A 239 -6.34 -26.18 -13.77
CA LEU A 239 -4.97 -25.85 -14.11
C LEU A 239 -4.06 -26.71 -13.24
N GLY A 240 -3.09 -27.36 -13.87
CA GLY A 240 -2.13 -28.18 -13.15
C GLY A 240 -2.63 -29.55 -12.78
N GLU A 241 -3.70 -30.01 -13.42
CA GLU A 241 -4.10 -31.41 -13.31
C GLU A 241 -2.92 -32.32 -13.65
N ILE A 242 -2.00 -31.82 -14.47
CA ILE A 242 -0.69 -32.44 -14.65
C ILE A 242 0.35 -31.42 -14.23
N ARG A 243 1.33 -31.85 -13.43
CA ARG A 243 2.37 -30.93 -12.99
C ARG A 243 3.72 -31.61 -12.76
N CYS A 244 4.78 -30.84 -13.00
CA CYS A 244 6.14 -31.33 -12.89
C CYS A 244 6.94 -30.44 -11.94
N ASN A 245 8.21 -30.79 -11.73
CA ASN A 245 9.08 -30.04 -10.82
C ASN A 245 9.77 -28.90 -11.53
N SER A 246 10.19 -29.14 -12.77
CA SER A 246 11.03 -28.21 -13.51
C SER A 246 10.42 -27.88 -14.86
N GLU A 247 11.10 -26.99 -15.60
CA GLU A 247 10.67 -26.64 -16.95
C GLU A 247 10.96 -27.80 -17.89
N SER A 248 12.15 -28.36 -17.78
CA SER A 248 12.58 -29.45 -18.65
C SER A 248 11.69 -30.68 -18.50
N SER A 249 11.20 -30.91 -17.29
CA SER A 249 10.33 -32.04 -17.02
C SER A 249 9.00 -31.91 -17.76
N VAL A 250 8.49 -30.69 -17.87
CA VAL A 250 7.26 -30.43 -18.62
C VAL A 250 7.49 -30.64 -20.11
N LEU A 251 8.58 -30.10 -20.63
CA LEU A 251 8.92 -30.23 -22.03
C LEU A 251 9.17 -31.69 -22.41
N SER A 252 9.71 -32.47 -21.47
CA SER A 252 10.02 -33.87 -21.71
C SER A 252 8.89 -34.83 -21.36
N ALA A 253 7.84 -34.32 -20.72
CA ALA A 253 6.73 -35.15 -20.25
C ALA A 253 7.24 -36.29 -19.39
N HIS A 254 8.24 -36.00 -18.57
CA HIS A 254 8.96 -37.02 -17.82
C HIS A 254 8.06 -37.66 -16.77
N GLU A 255 8.25 -38.96 -16.54
CA GLU A 255 7.35 -39.73 -15.67
C GLU A 255 7.34 -39.28 -14.21
N SER A 256 8.29 -38.44 -13.82
CA SER A 256 8.30 -37.90 -12.46
C SER A 256 7.18 -36.88 -12.26
N CYS A 257 6.65 -36.34 -13.35
CA CYS A 257 5.58 -35.37 -13.29
C CYS A 257 4.31 -36.02 -12.77
N LEU A 258 3.65 -35.35 -11.82
CA LEU A 258 2.42 -35.86 -11.25
C LEU A 258 1.27 -35.59 -12.19
N ARG A 259 0.20 -36.37 -12.05
CA ARG A 259 -1.01 -36.09 -12.80
C ARG A 259 -2.23 -36.73 -12.14
N ALA A 260 -3.39 -36.14 -12.37
CA ALA A 260 -4.63 -36.67 -11.82
C ALA A 260 -4.95 -38.02 -12.46
N PRO A 261 -5.76 -38.85 -11.78
CA PRO A 261 -6.16 -40.15 -12.33
C PRO A 261 -7.30 -40.03 -13.33
N ASN A 262 -7.37 -40.97 -14.27
CA ASN A 262 -8.42 -41.00 -15.28
C ASN A 262 -8.53 -39.70 -16.07
N LEU A 263 -7.39 -39.24 -16.57
CA LEU A 263 -7.37 -38.07 -17.44
C LEU A 263 -7.64 -38.47 -18.88
N ILE A 264 -7.17 -39.65 -19.27
CA ILE A 264 -7.33 -40.13 -20.64
C ILE A 264 -8.58 -41.00 -20.77
N SER A 265 -9.54 -40.52 -21.58
CA SER A 265 -10.74 -41.28 -21.89
C SER A 265 -10.46 -42.21 -23.06
N TYR A 266 -11.09 -43.39 -23.04
CA TYR A 266 -10.87 -44.39 -24.07
C TYR A 266 -12.15 -44.84 -24.74
N LYS A 267 -12.06 -45.05 -26.05
CA LYS A 267 -13.15 -45.64 -26.82
C LYS A 267 -12.64 -46.88 -27.55
N PRO A 268 -12.61 -48.02 -26.83
CA PRO A 268 -12.16 -49.28 -27.43
C PRO A 268 -13.19 -49.86 -28.40
N MET A 269 -12.88 -49.81 -29.70
CA MET A 269 -13.79 -50.27 -30.74
C MET A 269 -13.21 -51.48 -31.48
N ILE A 270 -13.32 -52.65 -30.86
CA ILE A 270 -12.78 -53.89 -31.41
C ILE A 270 -11.26 -53.79 -31.60
N ASP A 271 -10.77 -53.61 -32.83
CA ASP A 271 -9.35 -53.40 -33.09
C ASP A 271 -9.01 -51.91 -33.06
N GLN A 272 -10.03 -51.07 -33.25
CA GLN A 272 -9.85 -49.63 -33.28
C GLN A 272 -9.82 -49.07 -31.86
N LEU A 273 -9.27 -47.87 -31.72
CA LEU A 273 -9.14 -47.23 -30.41
C LEU A 273 -8.92 -45.73 -30.57
N GLU A 274 -9.57 -44.94 -29.72
CA GLU A 274 -9.42 -43.50 -29.72
C GLU A 274 -9.23 -42.96 -28.31
N CYS A 275 -7.99 -42.66 -27.96
CA CYS A 275 -7.67 -42.10 -26.65
C CYS A 275 -7.63 -40.58 -26.72
N THR A 276 -8.43 -39.94 -25.87
CA THR A 276 -8.54 -38.48 -25.86
C THR A 276 -8.44 -37.91 -24.45
N THR A 277 -8.10 -36.62 -24.37
CA THR A 277 -8.06 -35.90 -23.11
C THR A 277 -8.67 -34.53 -23.28
N ASN A 278 -9.46 -34.12 -22.29
CA ASN A 278 -10.06 -32.79 -22.27
C ASN A 278 -9.34 -31.91 -21.24
N LEU A 279 -8.11 -31.53 -21.57
CA LEU A 279 -7.26 -30.81 -20.62
C LEU A 279 -7.45 -29.29 -20.68
N ILE A 280 -7.26 -28.65 -19.54
CA ILE A 280 -7.28 -27.20 -19.46
C ILE A 280 -6.00 -26.66 -20.10
N ASP A 281 -6.14 -26.06 -21.28
CA ASP A 281 -4.98 -25.49 -21.97
C ASP A 281 -4.43 -24.33 -21.15
N PRO A 282 -3.28 -24.51 -20.49
CA PRO A 282 -2.77 -23.49 -19.59
C PRO A 282 -2.27 -22.24 -20.33
N PHE A 283 -2.03 -22.35 -21.64
CA PHE A 283 -1.57 -21.22 -22.43
C PHE A 283 -2.75 -20.31 -22.79
N VAL A 284 -3.96 -20.86 -22.72
CA VAL A 284 -5.17 -20.06 -22.88
C VAL A 284 -5.46 -19.31 -21.59
N VAL A 285 -5.26 -19.97 -20.46
CA VAL A 285 -5.56 -19.37 -19.16
C VAL A 285 -4.66 -18.16 -18.93
N PHE A 286 -3.43 -18.23 -19.44
CA PHE A 286 -2.48 -17.14 -19.29
C PHE A 286 -2.89 -15.92 -20.11
N GLU A 287 -3.36 -16.14 -21.33
CA GLU A 287 -3.78 -15.05 -22.20
C GLU A 287 -4.99 -14.33 -21.64
N ARG A 288 -5.90 -15.08 -21.03
CA ARG A 288 -7.07 -14.47 -20.40
C ARG A 288 -6.64 -13.56 -19.26
N GLY A 289 -5.59 -13.96 -18.55
CA GLY A 289 -5.07 -13.20 -17.43
C GLY A 289 -3.82 -12.39 -17.74
N SER A 290 -3.59 -12.06 -19.02
CA SER A 290 -2.46 -11.22 -19.39
C SER A 290 -2.41 -10.02 -18.45
N LEU A 291 -1.20 -9.73 -17.96
CA LEU A 291 -1.04 -9.24 -16.59
C LEU A 291 -1.90 -8.06 -16.14
N PRO A 292 -2.01 -6.99 -16.93
CA PRO A 292 -2.84 -5.88 -16.44
C PRO A 292 -4.30 -6.31 -16.19
N GLN A 293 -4.72 -6.28 -14.93
CA GLN A 293 -6.06 -6.73 -14.54
C GLN A 293 -6.64 -5.89 -13.42
N THR A 294 -7.90 -6.13 -13.11
CA THR A 294 -8.58 -5.48 -12.00
C THR A 294 -9.44 -6.48 -11.25
N ARG A 295 -9.04 -6.80 -10.02
CA ARG A 295 -9.87 -7.55 -9.10
C ARG A 295 -10.06 -6.71 -7.85
N ASN A 296 -11.27 -6.70 -7.30
CA ASN A 296 -11.63 -5.80 -6.21
C ASN A 296 -11.21 -4.37 -6.63
N ASP A 297 -10.54 -3.62 -5.75
CA ASP A 297 -9.99 -2.31 -6.12
C ASP A 297 -8.48 -2.36 -6.37
N LYS A 298 -7.94 -3.54 -6.65
CA LYS A 298 -6.51 -3.71 -6.86
C LYS A 298 -6.20 -3.94 -8.35
N THR A 299 -5.26 -3.15 -8.88
CA THR A 299 -4.78 -3.36 -10.24
C THR A 299 -3.45 -4.08 -10.19
N PHE A 300 -3.44 -5.33 -10.65
CA PHE A 300 -2.24 -6.14 -10.62
C PHE A 300 -1.36 -5.86 -11.83
N ALA A 301 -0.19 -5.30 -11.58
CA ALA A 301 0.79 -5.01 -12.62
C ALA A 301 2.13 -5.64 -12.26
N ALA A 302 3.00 -5.77 -13.26
CA ALA A 302 4.27 -6.48 -13.08
C ALA A 302 5.35 -5.56 -12.53
N SER A 303 6.29 -6.13 -11.80
CA SER A 303 7.38 -5.33 -11.22
C SER A 303 8.27 -4.76 -12.32
N LYS A 304 8.25 -3.43 -12.45
CA LYS A 304 9.18 -2.72 -13.33
C LYS A 304 10.63 -3.17 -13.07
N GLY A 305 11.24 -3.79 -14.08
CA GLY A 305 12.62 -4.26 -13.97
C GLY A 305 12.69 -5.71 -13.52
N ASN A 306 13.29 -5.93 -12.34
CA ASN A 306 13.40 -7.27 -11.78
C ASN A 306 12.01 -7.84 -11.57
N ARG A 307 11.68 -8.88 -12.34
CA ARG A 307 10.30 -9.31 -12.45
C ARG A 307 9.78 -10.06 -11.21
N GLY A 308 8.64 -9.60 -10.75
CA GLY A 308 7.90 -10.19 -9.64
C GLY A 308 6.48 -9.75 -9.87
N VAL A 309 5.63 -9.82 -8.85
CA VAL A 309 4.24 -9.38 -9.00
C VAL A 309 3.77 -8.47 -7.86
N GLN A 310 3.13 -7.36 -8.25
CA GLN A 310 2.68 -6.34 -7.32
C GLN A 310 1.22 -5.96 -7.55
N ALA A 311 0.58 -5.41 -6.52
CA ALA A 311 -0.79 -4.92 -6.62
C ALA A 311 -0.84 -3.46 -6.19
N PHE A 312 -1.71 -2.68 -6.84
CA PHE A 312 -1.84 -1.26 -6.55
C PHE A 312 -3.28 -0.90 -6.22
N SER A 313 -3.49 -0.31 -5.04
CA SER A 313 -4.81 0.15 -4.66
C SER A 313 -5.29 1.20 -5.67
N LYS A 314 -6.61 1.31 -5.78
CA LYS A 314 -7.23 2.31 -6.64
C LYS A 314 -8.00 3.36 -5.84
N GLY A 315 -8.59 2.95 -4.71
CA GLY A 315 -9.43 3.83 -3.93
C GLY A 315 -8.98 3.98 -2.49
N SER A 316 -9.89 3.69 -1.56
CA SER A 316 -9.62 3.86 -0.13
C SER A 316 -8.47 2.96 0.34
N VAL A 317 -7.78 3.42 1.37
CA VAL A 317 -6.67 2.66 1.94
C VAL A 317 -6.92 2.38 3.41
N GLN A 318 -6.85 1.11 3.78
CA GLN A 318 -7.19 0.67 5.13
C GLN A 318 -5.96 0.73 6.03
N ALA A 319 -5.55 1.94 6.39
CA ALA A 319 -4.40 2.13 7.26
C ALA A 319 -4.46 3.47 7.99
N ASP A 320 -4.12 3.44 9.27
CA ASP A 320 -4.06 4.65 10.09
C ASP A 320 -2.66 5.25 10.06
N LEU A 321 -2.59 6.56 10.29
CA LEU A 321 -1.33 7.29 10.28
C LEU A 321 -1.06 7.91 11.64
N THR A 322 0.03 7.52 12.28
CA THR A 322 0.46 8.12 13.54
C THR A 322 1.33 9.34 13.26
N LEU A 323 0.81 10.52 13.54
CA LEU A 323 1.57 11.75 13.39
C LEU A 323 2.12 12.20 14.73
N MET A 324 3.40 11.95 14.96
CA MET A 324 4.05 12.34 16.20
C MET A 324 4.64 13.72 16.02
N PHE A 325 4.29 14.64 16.91
CA PHE A 325 4.78 16.01 16.87
C PHE A 325 5.64 16.30 18.09
N ASP A 326 6.85 16.79 17.85
CA ASP A 326 7.80 17.06 18.92
C ASP A 326 7.97 18.56 19.15
N ASN A 327 6.92 19.18 19.71
CA ASN A 327 6.92 20.61 20.01
C ASN A 327 7.26 21.49 18.79
N PHE A 328 6.78 21.08 17.62
CA PHE A 328 7.05 21.81 16.39
C PHE A 328 6.26 23.12 16.32
N GLU A 329 6.94 24.21 16.01
CA GLU A 329 6.31 25.53 15.99
C GLU A 329 5.81 25.92 14.59
N VAL A 330 4.59 26.46 14.54
CA VAL A 330 3.99 26.93 13.30
C VAL A 330 3.42 28.33 13.51
N ASP A 331 3.57 29.19 12.50
CA ASP A 331 3.12 30.58 12.58
C ASP A 331 2.08 30.88 11.50
N PHE A 332 1.23 31.88 11.80
CA PHE A 332 1.13 33.25 11.31
C PHE A 332 -0.23 33.71 10.81
N VAL A 333 -1.11 34.08 11.75
CA VAL A 333 -1.60 35.43 12.12
C VAL A 333 -1.85 36.50 11.10
N GLY A 334 -2.24 37.70 11.52
CA GLY A 334 -2.49 38.81 10.61
C GLY A 334 -1.63 40.05 10.63
N ALA A 335 -1.80 40.91 9.64
CA ALA A 335 -0.97 42.11 9.50
C ALA A 335 -1.24 43.11 10.62
N ALA A 336 -0.24 43.91 10.95
CA ALA A 336 -0.36 44.91 12.02
C ALA A 336 -1.34 46.01 11.62
N VAL A 337 -2.07 46.51 12.62
CA VAL A 337 -3.07 47.56 12.41
C VAL A 337 -2.61 48.87 13.05
N SER A 338 -2.92 49.98 12.39
CA SER A 338 -2.59 51.31 12.90
C SER A 338 -3.27 51.55 14.24
N CYS A 339 -2.61 52.30 15.11
CA CYS A 339 -3.06 52.45 16.49
C CYS A 339 -2.99 53.89 16.97
N ASP A 340 -4.12 54.38 17.49
CA ASP A 340 -4.18 55.71 18.09
C ASP A 340 -4.02 55.63 19.60
N ALA A 341 -3.07 56.39 20.13
CA ALA A 341 -2.75 56.35 21.56
C ALA A 341 -2.67 57.76 22.14
N ALA A 342 -3.15 57.90 23.38
CA ALA A 342 -3.15 59.19 24.07
C ALA A 342 -2.55 59.02 25.47
N PHE A 343 -1.81 60.02 25.92
CA PHE A 343 -1.16 59.95 27.22
C PHE A 343 -2.17 60.10 28.36
N LEU A 344 -2.15 59.17 29.30
CA LEU A 344 -3.05 59.22 30.45
C LEU A 344 -2.38 59.87 31.66
N ASN A 345 -1.42 59.17 32.27
CA ASN A 345 -0.73 59.70 33.45
C ASN A 345 0.64 59.09 33.66
N LEU A 346 1.52 59.86 34.30
CA LEU A 346 2.85 59.40 34.69
C LEU A 346 3.00 59.50 36.20
N THR A 347 2.78 58.39 36.89
CA THR A 347 2.81 58.36 38.36
C THR A 347 3.92 57.45 38.87
N GLY A 348 4.80 57.99 39.71
CA GLY A 348 5.86 57.20 40.31
C GLY A 348 6.99 58.00 40.92
N CYS A 349 8.19 57.40 40.95
CA CYS A 349 9.35 57.97 41.63
C CYS A 349 10.55 58.09 40.69
N TYR A 350 11.59 58.81 41.12
CA TYR A 350 12.81 58.96 40.32
C TYR A 350 14.02 58.18 40.86
N SER A 351 14.71 57.50 39.96
CA SER A 351 15.95 56.79 40.24
C SER A 351 15.80 55.67 41.28
N CYS A 352 14.58 55.19 41.46
CA CYS A 352 14.30 54.12 42.42
C CYS A 352 13.98 52.82 41.69
N ASN A 353 14.18 51.71 42.39
CA ASN A 353 13.97 50.38 41.80
C ASN A 353 12.52 50.16 41.37
N ALA A 354 11.59 50.87 42.00
CA ALA A 354 10.19 50.77 41.64
C ALA A 354 9.92 51.44 40.29
N GLY A 355 10.55 52.59 40.07
CA GLY A 355 10.42 53.29 38.81
C GLY A 355 9.10 54.04 38.70
N ALA A 356 8.74 54.44 37.48
CA ALA A 356 7.50 55.18 37.25
C ALA A 356 6.54 54.42 36.35
N ARG A 357 5.25 54.57 36.63
CA ARG A 357 4.20 53.90 35.88
C ARG A 357 3.54 54.87 34.91
N VAL A 358 3.74 54.64 33.62
CA VAL A 358 3.13 55.48 32.59
C VAL A 358 1.96 54.71 31.95
N CYS A 359 0.82 55.40 31.81
CA CYS A 359 -0.37 54.79 31.23
C CYS A 359 -0.77 55.50 29.93
N LEU A 360 -1.20 54.70 28.96
CA LEU A 360 -1.62 55.22 27.66
C LEU A 360 -2.98 54.63 27.28
N SER A 361 -3.75 55.35 26.46
CA SER A 361 -5.05 54.88 26.00
C SER A 361 -4.99 54.52 24.53
N ILE A 362 -4.73 53.24 24.26
CA ILE A 362 -4.48 52.79 22.89
C ILE A 362 -5.75 52.25 22.25
N THR A 363 -5.95 52.57 20.98
CA THR A 363 -7.13 52.12 20.23
C THR A 363 -6.70 51.52 18.90
N SER A 364 -7.18 50.31 18.62
CA SER A 364 -6.89 49.63 17.36
C SER A 364 -8.07 48.76 16.96
N THR A 365 -7.99 48.16 15.76
CA THR A 365 -9.03 47.26 15.28
C THR A 365 -8.56 45.80 15.34
N GLY A 366 -7.55 45.53 16.16
CA GLY A 366 -7.01 44.19 16.28
C GLY A 366 -5.93 44.16 17.35
N THR A 367 -5.64 42.98 17.89
CA THR A 367 -4.60 42.83 18.90
C THR A 367 -3.23 43.05 18.28
N GLY A 368 -2.49 44.00 18.84
CA GLY A 368 -1.23 44.46 18.29
C GLY A 368 -0.26 44.88 19.38
N SER A 369 0.85 45.50 18.96
CA SER A 369 1.83 46.05 19.89
C SER A 369 2.17 47.50 19.51
N LEU A 370 2.40 48.32 20.53
CA LEU A 370 2.72 49.74 20.33
C LEU A 370 4.17 49.99 20.71
N SER A 371 4.92 50.66 19.83
CA SER A 371 6.34 50.90 20.05
C SER A 371 6.69 52.39 20.01
N ALA A 372 7.14 52.91 21.15
CA ALA A 372 7.45 54.34 21.28
C ALA A 372 8.86 54.57 21.81
N HIS A 373 9.62 55.39 21.10
CA HIS A 373 10.96 55.78 21.53
C HIS A 373 11.00 57.27 21.81
N ASN A 374 11.74 57.68 22.83
CA ASN A 374 11.92 59.09 23.14
C ASN A 374 12.98 59.70 22.23
N LYS A 375 13.02 61.03 22.19
CA LYS A 375 13.95 61.74 21.29
C LYS A 375 15.42 61.36 21.54
N ASP A 376 15.79 61.18 22.81
CA ASP A 376 17.14 60.76 23.15
C ASP A 376 17.47 59.39 22.58
N GLY A 377 16.46 58.52 22.52
CA GLY A 377 16.66 57.15 22.12
C GLY A 377 17.14 56.29 23.28
N SER A 378 17.03 56.81 24.50
CA SER A 378 17.53 56.14 25.68
C SER A 378 16.48 55.21 26.30
N LEU A 379 15.23 55.63 26.25
CA LEU A 379 14.13 54.88 26.87
C LEU A 379 13.07 54.55 25.81
N HIS A 380 12.62 53.30 25.81
CA HIS A 380 11.63 52.83 24.85
C HIS A 380 10.50 52.11 25.57
N ILE A 381 9.32 52.08 24.94
CA ILE A 381 8.12 51.55 25.55
C ILE A 381 7.47 50.47 24.67
N VAL A 382 6.94 49.43 25.31
CA VAL A 382 6.26 48.34 24.62
C VAL A 382 4.97 47.98 25.34
N LEU A 383 3.82 48.21 24.69
CA LEU A 383 2.52 47.90 25.28
C LEU A 383 1.55 47.24 24.28
N PRO A 384 0.68 46.33 24.76
CA PRO A 384 -0.26 45.67 23.85
C PRO A 384 -1.48 46.53 23.46
N SER A 385 -1.68 46.73 22.15
CA SER A 385 -2.90 47.35 21.66
C SER A 385 -3.94 46.26 21.38
N GLU A 386 -5.21 46.64 21.28
CA GLU A 386 -6.28 45.66 21.08
C GLU A 386 -7.44 46.14 20.22
N ASN A 387 -8.25 45.19 19.77
CA ASN A 387 -9.45 45.50 18.99
C ASN A 387 -10.44 46.27 19.85
N GLY A 388 -10.19 47.57 19.97
CA GLY A 388 -10.98 48.44 20.83
C GLY A 388 -10.05 49.30 21.66
N THR A 389 -10.58 49.95 22.69
CA THR A 389 -9.80 50.85 23.52
C THR A 389 -9.40 50.17 24.83
N LYS A 390 -8.11 50.24 25.16
CA LYS A 390 -7.60 49.66 26.40
C LYS A 390 -6.55 50.56 27.04
N ASP A 391 -6.52 50.55 28.37
CA ASP A 391 -5.55 51.33 29.14
C ASP A 391 -4.42 50.42 29.62
N GLN A 392 -3.25 50.55 28.98
CA GLN A 392 -2.09 49.72 29.29
C GLN A 392 -1.08 50.48 30.12
N CYS A 393 -0.27 49.75 30.88
CA CYS A 393 0.77 50.37 31.71
C CYS A 393 2.00 49.47 31.87
N GLN A 394 3.16 50.10 32.00
CA GLN A 394 4.41 49.38 32.29
C GLN A 394 5.32 50.25 33.16
N ILE A 395 6.56 49.80 33.34
CA ILE A 395 7.53 50.53 34.15
C ILE A 395 8.52 51.29 33.27
N LEU A 396 8.77 52.55 33.62
CA LEU A 396 9.71 53.40 32.89
C LEU A 396 10.56 54.17 33.89
N HIS A 397 11.88 54.12 33.70
CA HIS A 397 12.82 54.74 34.63
C HIS A 397 13.27 56.13 34.16
N PHE A 398 13.02 57.13 34.99
CA PHE A 398 13.48 58.50 34.74
C PHE A 398 14.48 58.93 35.80
N THR A 399 15.07 60.11 35.61
CA THR A 399 16.07 60.63 36.55
C THR A 399 16.04 62.15 36.71
N VAL A 400 14.86 62.77 36.63
CA VAL A 400 14.76 64.23 36.79
C VAL A 400 13.37 64.67 37.25
N PRO A 401 13.28 65.26 38.47
CA PRO A 401 11.98 65.54 39.12
C PRO A 401 10.89 66.10 38.20
N GLU A 402 11.28 66.93 37.24
CA GLU A 402 10.32 67.48 36.26
C GLU A 402 10.48 66.76 34.91
N VAL A 403 9.46 65.99 34.53
CA VAL A 403 9.49 65.22 33.28
C VAL A 403 8.62 65.87 32.21
N GLU A 404 9.14 65.92 30.99
CA GLU A 404 8.38 66.41 29.85
C GLU A 404 8.99 65.81 28.58
N GLU A 405 8.72 64.53 28.35
CA GLU A 405 9.38 63.77 27.30
C GLU A 405 8.45 63.51 26.11
N GLU A 406 8.91 63.85 24.91
CA GLU A 406 8.14 63.61 23.69
C GLU A 406 8.56 62.33 22.99
N PHE A 407 7.65 61.37 22.92
CA PHE A 407 7.90 60.08 22.29
C PHE A 407 7.37 60.07 20.85
N MET A 408 7.53 58.91 20.20
CA MET A 408 7.03 58.71 18.85
C MET A 408 6.50 57.28 18.69
N TYR A 409 5.21 57.07 18.96
CA TYR A 409 4.64 55.72 18.95
C TYR A 409 4.13 55.27 17.59
N SER A 410 4.10 53.95 17.37
CA SER A 410 3.63 53.38 16.11
C SER A 410 3.36 51.88 16.22
N CYS A 411 2.13 51.47 15.95
CA CYS A 411 1.80 50.05 15.87
C CYS A 411 2.10 49.50 14.48
N ASP A 412 1.81 50.30 13.46
CA ASP A 412 1.97 49.86 12.08
C ASP A 412 3.31 50.27 11.45
N GLY A 413 4.14 50.97 12.21
CA GLY A 413 5.46 51.38 11.75
C GLY A 413 5.58 52.86 11.40
N ASP A 414 4.51 53.63 11.53
CA ASP A 414 4.54 55.07 11.25
C ASP A 414 4.53 55.88 12.56
N GLU A 415 5.72 56.30 12.97
CA GLU A 415 5.94 57.06 14.20
C GLU A 415 5.06 58.30 14.35
N ARG A 416 4.51 58.49 15.55
CA ARG A 416 3.54 59.57 15.81
C ARG A 416 3.76 60.17 17.20
N PRO A 417 3.77 61.52 17.30
CA PRO A 417 4.14 62.18 18.56
C PRO A 417 3.16 61.98 19.73
N LEU A 418 3.72 61.74 20.91
CA LEU A 418 2.97 61.73 22.16
C LEU A 418 3.84 62.32 23.26
N LEU A 419 3.26 63.24 24.03
CA LEU A 419 4.01 63.91 25.09
C LEU A 419 3.65 63.36 26.47
N VAL A 420 4.57 62.62 27.07
CA VAL A 420 4.41 62.21 28.46
C VAL A 420 4.98 63.31 29.34
N LYS A 421 4.43 63.47 30.53
CA LYS A 421 4.89 64.48 31.46
C LYS A 421 4.43 64.12 32.87
N GLY A 422 5.18 64.53 33.87
CA GLY A 422 4.83 64.23 35.25
C GLY A 422 5.87 64.74 36.23
N THR A 423 5.45 64.93 37.47
CA THR A 423 6.35 65.33 38.55
C THR A 423 6.80 64.11 39.34
N LEU A 424 8.02 63.66 39.09
CA LEU A 424 8.58 62.50 39.78
C LEU A 424 8.84 62.81 41.26
N ILE A 425 8.73 61.79 42.10
CA ILE A 425 8.89 61.93 43.55
C ILE A 425 10.17 61.24 44.08
N ALA A 426 10.55 61.56 45.32
CA ALA A 426 11.73 60.96 45.94
C ALA A 426 11.41 59.74 46.78
N ILE A 427 12.42 58.90 46.99
CA ILE A 427 12.32 57.80 47.93
C ILE A 427 13.61 57.68 48.76
N ASP A 428 13.51 58.04 50.03
CA ASP A 428 14.63 57.91 50.96
C ASP A 428 14.12 58.05 52.40
#